data_1ML6
#
_entry.id   1ML6
#
_cell.length_a   99.067
_cell.length_b   93.903
_cell.length_c   52.600
_cell.angle_alpha   90.00
_cell.angle_beta   92.28
_cell.angle_gamma   90.00
#
_symmetry.space_group_name_H-M   'C 1 2 1'
#
loop_
_entity.id
_entity.type
_entity.pdbx_description
1 polymer 'Glutathione S-Transferase GT41A'
2 non-polymer '2-AMINO-4-[1-(CARBOXYMETHYL-CARBAMOYL)-2-(9-HYDROXY-7,8-DIOXO-7,8,9,10-TETRAHYDRO-BENZO[DEF]CHRYSEN-10-YLSULFANYL)-ETHYLCARBAMOYL]-BUTYRIC ACID'
3 non-polymer 'ISOPROPYL ALCOHOL'
4 water water
#
_entity_poly.entity_id   1
_entity_poly.type   'polypeptide(L)'
_entity_poly.pdbx_seq_one_letter_code
;AGKPVLHYFNARGRMECIRWLLAAAGVEFEEKFIQSPEDLEKLKKDGNLMFDQVPMVEIDGMKLVQTRAILNYIATKYDL
YGKDMKERALIDMYTEGILDLTEMIGQLVL(CSO)PPDQREAKTALAKDRTKNRYLPAFEKVLKSHGQDYLVGNRLTRVD
VHLLELLLYVEELDASLLTPFPLLKAFKSRISSLPNVKKFLQPGSQRKPPLDAKQIEEARKVFKF
;
_entity_poly.pdbx_strand_id   A,B
#
# COMPACT_ATOMS: atom_id res chain seq x y z
N GLY A 2 18.41 -21.57 7.59
CA GLY A 2 17.85 -20.67 6.53
C GLY A 2 17.13 -19.46 7.09
N LYS A 3 17.89 -18.51 7.65
CA LYS A 3 17.29 -17.31 8.19
C LYS A 3 17.04 -16.29 7.07
N PRO A 4 15.90 -15.59 7.13
CA PRO A 4 15.62 -14.61 6.08
C PRO A 4 16.67 -13.52 6.26
N VAL A 5 17.04 -12.86 5.17
CA VAL A 5 18.01 -11.79 5.25
C VAL A 5 17.33 -10.49 4.89
N LEU A 6 17.41 -9.50 5.78
CA LEU A 6 16.79 -8.21 5.52
C LEU A 6 17.81 -7.17 5.04
N HIS A 7 17.59 -6.60 3.85
CA HIS A 7 18.47 -5.60 3.28
C HIS A 7 17.81 -4.24 3.37
N TYR A 8 18.41 -3.37 4.17
CA TYR A 8 17.91 -2.02 4.36
C TYR A 8 19.00 -1.18 4.97
N PHE A 9 18.71 0.10 5.20
CA PHE A 9 19.64 0.99 5.86
C PHE A 9 19.54 0.60 7.34
N ASN A 10 20.48 1.07 8.17
CA ASN A 10 20.44 0.77 9.59
C ASN A 10 19.53 1.79 10.24
N ALA A 11 18.23 1.60 10.04
CA ALA A 11 17.23 2.50 10.56
C ALA A 11 15.87 1.83 10.44
N ARG A 12 14.86 2.46 11.01
CA ARG A 12 13.50 1.94 10.98
C ARG A 12 12.96 1.86 9.56
N GLY A 13 12.67 3.03 9.00
CA GLY A 13 12.14 3.11 7.65
C GLY A 13 11.00 2.12 7.40
N ARG A 14 10.87 1.70 6.15
CA ARG A 14 9.81 0.75 5.81
C ARG A 14 10.15 -0.68 6.23
N MET A 15 11.38 -0.91 6.65
CA MET A 15 11.77 -2.25 7.06
C MET A 15 11.34 -2.62 8.48
N GLU A 16 11.17 -1.63 9.35
CA GLU A 16 10.80 -1.91 10.73
C GLU A 16 9.51 -2.76 10.90
N CYS A 17 8.49 -2.51 10.09
CA CYS A 17 7.26 -3.30 10.22
C CYS A 17 7.50 -4.77 9.93
N ILE A 18 8.48 -5.04 9.06
CA ILE A 18 8.82 -6.42 8.71
C ILE A 18 9.61 -7.05 9.86
N ARG A 19 10.53 -6.27 10.44
CA ARG A 19 11.31 -6.76 11.58
C ARG A 19 10.34 -7.19 12.69
N TRP A 20 9.37 -6.32 12.96
CA TRP A 20 8.35 -6.58 13.98
C TRP A 20 7.54 -7.85 13.69
N LEU A 21 7.11 -8.00 12.43
CA LEU A 21 6.31 -9.18 12.08
C LEU A 21 7.11 -10.48 12.26
N LEU A 22 8.34 -10.49 11.77
CA LEU A 22 9.19 -11.66 11.94
C LEU A 22 9.44 -11.93 13.44
N ALA A 23 9.78 -10.89 14.19
CA ALA A 23 10.05 -11.06 15.62
C ALA A 23 8.84 -11.61 16.35
N ALA A 24 7.64 -11.12 16.01
CA ALA A 24 6.44 -11.60 16.69
C ALA A 24 6.17 -13.06 16.36
N ALA A 25 6.52 -13.46 15.15
CA ALA A 25 6.33 -14.85 14.73
C ALA A 25 7.40 -15.73 15.36
N GLY A 26 8.39 -15.12 16.01
CA GLY A 26 9.43 -15.91 16.63
C GLY A 26 10.44 -16.41 15.62
N VAL A 27 10.51 -15.74 14.48
CA VAL A 27 11.44 -16.14 13.43
C VAL A 27 12.72 -15.32 13.46
N GLU A 28 13.85 -16.00 13.63
CA GLU A 28 15.14 -15.32 13.67
C GLU A 28 15.54 -14.88 12.26
N PHE A 29 16.13 -13.70 12.16
CA PHE A 29 16.54 -13.17 10.86
C PHE A 29 17.90 -12.44 10.94
N GLU A 30 18.54 -12.26 9.80
CA GLU A 30 19.82 -11.55 9.78
C GLU A 30 19.58 -10.28 9.00
N GLU A 31 20.44 -9.29 9.21
CA GLU A 31 20.35 -8.01 8.51
C GLU A 31 21.66 -7.69 7.82
N LYS A 32 21.58 -7.16 6.60
CA LYS A 32 22.76 -6.72 5.84
C LYS A 32 22.52 -5.24 5.64
N PHE A 33 23.18 -4.41 6.43
CA PHE A 33 22.98 -2.98 6.34
C PHE A 33 23.61 -2.28 5.15
N ILE A 34 22.87 -1.32 4.60
CA ILE A 34 23.33 -0.52 3.49
C ILE A 34 23.98 0.65 4.20
N GLN A 35 25.30 0.74 4.11
CA GLN A 35 26.00 1.81 4.80
C GLN A 35 26.52 2.89 3.87
N SER A 36 26.69 2.53 2.60
CA SER A 36 27.19 3.49 1.62
C SER A 36 26.49 3.35 0.27
N PRO A 37 26.52 4.40 -0.55
CA PRO A 37 25.90 4.39 -1.88
C PRO A 37 26.43 3.21 -2.68
N GLU A 38 27.67 2.84 -2.39
CA GLU A 38 28.32 1.72 -3.04
C GLU A 38 27.57 0.43 -2.71
N ASP A 39 27.18 0.28 -1.44
CA ASP A 39 26.46 -0.91 -1.02
C ASP A 39 25.17 -1.04 -1.83
N LEU A 40 24.45 0.08 -1.94
CA LEU A 40 23.19 0.13 -2.67
C LEU A 40 23.44 -0.18 -4.14
N GLU A 41 24.43 0.49 -4.73
CA GLU A 41 24.75 0.27 -6.12
C GLU A 41 25.07 -1.18 -6.45
N LYS A 42 25.76 -1.84 -5.52
CA LYS A 42 26.13 -3.24 -5.74
C LYS A 42 24.90 -4.15 -5.71
N LEU A 43 23.94 -3.84 -4.84
CA LEU A 43 22.70 -4.62 -4.75
C LEU A 43 21.97 -4.53 -6.09
N LYS A 44 21.85 -3.31 -6.60
CA LYS A 44 21.20 -3.09 -7.88
C LYS A 44 21.92 -3.81 -9.02
N LYS A 45 23.22 -3.56 -9.18
CA LYS A 45 23.99 -4.16 -10.26
C LYS A 45 23.99 -5.68 -10.28
N ASP A 46 23.96 -6.29 -9.11
CA ASP A 46 23.98 -7.74 -9.03
C ASP A 46 22.60 -8.37 -9.23
N GLY A 47 21.64 -7.56 -9.66
CA GLY A 47 20.30 -8.05 -9.90
C GLY A 47 19.51 -8.45 -8.66
N ASN A 48 19.65 -7.73 -7.55
CA ASN A 48 18.91 -8.07 -6.33
C ASN A 48 17.59 -7.32 -6.09
N LEU A 49 17.42 -6.15 -6.70
CA LEU A 49 16.22 -5.32 -6.50
C LEU A 49 15.37 -5.15 -7.75
N MET A 50 14.18 -5.74 -7.77
CA MET A 50 13.32 -5.63 -8.95
C MET A 50 13.06 -4.19 -9.40
N PHE A 51 12.91 -3.26 -8.46
CA PHE A 51 12.66 -1.87 -8.81
C PHE A 51 13.75 -0.95 -8.27
N ASP A 52 14.95 -1.51 -8.10
CA ASP A 52 16.10 -0.76 -7.58
C ASP A 52 15.85 -0.07 -6.25
N GLN A 53 15.00 -0.68 -5.42
CA GLN A 53 14.69 -0.13 -4.12
C GLN A 53 14.72 -1.21 -3.05
N VAL A 54 14.88 -0.78 -1.80
CA VAL A 54 14.81 -1.69 -0.68
C VAL A 54 13.62 -1.08 0.05
N PRO A 55 13.06 -1.78 1.05
CA PRO A 55 13.40 -3.10 1.60
C PRO A 55 13.45 -4.27 0.62
N MET A 56 14.34 -5.20 0.89
CA MET A 56 14.43 -6.42 0.10
C MET A 56 14.69 -7.52 1.13
N VAL A 57 13.96 -8.62 1.01
CA VAL A 57 14.15 -9.71 1.95
C VAL A 57 14.42 -11.00 1.20
N GLU A 58 15.47 -11.72 1.58
CA GLU A 58 15.77 -13.00 0.95
C GLU A 58 15.06 -14.01 1.84
N ILE A 59 14.09 -14.72 1.26
CA ILE A 59 13.36 -15.70 2.01
C ILE A 59 12.83 -16.74 1.04
N ASP A 60 13.05 -18.01 1.39
CA ASP A 60 12.61 -19.13 0.59
C ASP A 60 12.99 -19.09 -0.89
N GLY A 61 14.25 -18.79 -1.18
CA GLY A 61 14.71 -18.74 -2.54
C GLY A 61 14.32 -17.51 -3.35
N MET A 62 13.60 -16.57 -2.74
CA MET A 62 13.20 -15.36 -3.44
C MET A 62 13.92 -14.15 -2.89
N LYS A 63 13.99 -13.12 -3.71
CA LYS A 63 14.55 -11.83 -3.32
C LYS A 63 13.33 -10.94 -3.51
N LEU A 64 12.57 -10.83 -2.43
CA LEU A 64 11.32 -10.09 -2.40
C LEU A 64 11.46 -8.62 -2.06
N VAL A 65 10.92 -7.73 -2.90
CA VAL A 65 10.94 -6.30 -2.59
C VAL A 65 9.48 -5.86 -2.48
N GLN A 66 9.27 -4.61 -2.10
CA GLN A 66 7.97 -3.99 -1.86
C GLN A 66 7.48 -4.44 -0.49
N THR A 67 7.51 -3.50 0.43
CA THR A 67 7.11 -3.75 1.81
C THR A 67 5.84 -4.61 1.97
N ARG A 68 4.76 -4.22 1.33
CA ARG A 68 3.51 -4.98 1.49
C ARG A 68 3.58 -6.40 0.97
N ALA A 69 4.32 -6.60 -0.11
CA ALA A 69 4.45 -7.95 -0.68
C ALA A 69 5.18 -8.84 0.31
N ILE A 70 6.22 -8.28 0.93
CA ILE A 70 7.01 -9.01 1.91
C ILE A 70 6.17 -9.33 3.15
N LEU A 71 5.48 -8.32 3.68
CA LEU A 71 4.62 -8.52 4.85
C LEU A 71 3.54 -9.58 4.58
N ASN A 72 2.91 -9.49 3.42
CA ASN A 72 1.85 -10.45 3.10
C ASN A 72 2.37 -11.88 3.07
N TYR A 73 3.56 -12.07 2.51
CA TYR A 73 4.15 -13.41 2.41
C TYR A 73 4.47 -13.94 3.80
N ILE A 74 5.15 -13.13 4.59
CA ILE A 74 5.48 -13.56 5.94
C ILE A 74 4.24 -13.86 6.79
N ALA A 75 3.22 -13.00 6.69
CA ALA A 75 1.99 -13.21 7.46
C ALA A 75 1.36 -14.55 7.08
N THR A 76 1.31 -14.82 5.78
CA THR A 76 0.73 -16.09 5.33
C THR A 76 1.56 -17.27 5.78
N LYS A 77 2.87 -17.18 5.55
CA LYS A 77 3.75 -18.26 5.95
C LYS A 77 3.63 -18.65 7.41
N TYR A 78 3.58 -17.66 8.30
CA TYR A 78 3.52 -17.95 9.72
C TYR A 78 2.15 -17.88 10.38
N ASP A 79 1.12 -18.09 9.57
CA ASP A 79 -0.26 -18.10 10.06
C ASP A 79 -0.69 -16.88 10.85
N LEU A 80 -0.27 -15.71 10.39
CA LEU A 80 -0.64 -14.46 11.05
C LEU A 80 -1.54 -13.64 10.14
N TYR A 81 -2.15 -14.31 9.16
CA TYR A 81 -3.01 -13.60 8.22
C TYR A 81 -4.50 -13.99 8.31
N GLY A 82 -4.92 -14.46 9.48
CA GLY A 82 -6.32 -14.82 9.64
C GLY A 82 -6.61 -16.18 9.06
N LYS A 83 -7.89 -16.56 9.01
CA LYS A 83 -8.25 -17.89 8.49
C LYS A 83 -9.00 -17.90 7.17
N ASP A 84 -9.55 -16.77 6.77
CA ASP A 84 -10.29 -16.72 5.51
C ASP A 84 -10.29 -15.31 4.90
N MET A 85 -10.89 -15.17 3.72
CA MET A 85 -10.89 -13.88 3.04
C MET A 85 -11.67 -12.78 3.75
N LYS A 86 -12.67 -13.15 4.55
CA LYS A 86 -13.43 -12.15 5.28
C LYS A 86 -12.53 -11.59 6.35
N GLU A 87 -11.88 -12.48 7.11
CA GLU A 87 -10.97 -12.02 8.15
C GLU A 87 -9.81 -11.23 7.52
N ARG A 88 -9.37 -11.65 6.33
CA ARG A 88 -8.29 -10.93 5.68
C ARG A 88 -8.72 -9.52 5.27
N ALA A 89 -9.99 -9.37 4.89
CA ALA A 89 -10.49 -8.06 4.50
C ALA A 89 -10.36 -7.10 5.69
N LEU A 90 -10.73 -7.57 6.88
CA LEU A 90 -10.64 -6.75 8.10
C LEU A 90 -9.17 -6.48 8.43
N ILE A 91 -8.36 -7.53 8.39
CA ILE A 91 -6.94 -7.39 8.68
C ILE A 91 -6.29 -6.38 7.73
N ASP A 92 -6.65 -6.49 6.46
CA ASP A 92 -6.13 -5.62 5.41
C ASP A 92 -6.61 -4.18 5.57
N MET A 93 -7.89 -4.00 5.87
CA MET A 93 -8.42 -2.66 6.03
C MET A 93 -7.75 -2.00 7.24
N TYR A 94 -7.67 -2.71 8.37
CA TYR A 94 -7.02 -2.18 9.58
C TYR A 94 -5.53 -1.89 9.32
N THR A 95 -4.84 -2.84 8.70
CA THR A 95 -3.41 -2.67 8.39
C THR A 95 -3.14 -1.42 7.55
N GLU A 96 -3.93 -1.23 6.50
CA GLU A 96 -3.74 -0.05 5.63
C GLU A 96 -3.92 1.28 6.39
N GLY A 97 -4.89 1.32 7.30
CA GLY A 97 -5.08 2.54 8.07
C GLY A 97 -3.85 2.76 8.93
N ILE A 98 -3.36 1.68 9.55
CA ILE A 98 -2.16 1.77 10.38
C ILE A 98 -0.95 2.22 9.59
N LEU A 99 -0.73 1.66 8.40
CA LEU A 99 0.43 2.06 7.60
C LEU A 99 0.27 3.54 7.22
N ASP A 100 -0.95 3.97 6.94
CA ASP A 100 -1.18 5.34 6.57
C ASP A 100 -0.74 6.31 7.69
N LEU A 101 -1.10 6.00 8.93
CA LEU A 101 -0.73 6.88 10.04
C LEU A 101 0.75 6.76 10.37
N THR A 102 1.28 5.55 10.24
CA THR A 102 2.69 5.33 10.51
C THR A 102 3.53 6.17 9.55
N GLU A 103 3.10 6.21 8.30
CA GLU A 103 3.81 6.98 7.29
C GLU A 103 3.74 8.47 7.63
N MET A 104 2.54 8.95 7.92
CA MET A 104 2.31 10.34 8.25
C MET A 104 3.21 10.77 9.42
N ILE A 105 3.32 9.94 10.44
CA ILE A 105 4.15 10.25 11.60
C ILE A 105 5.65 10.18 11.31
N GLY A 106 6.08 9.13 10.63
CA GLY A 106 7.49 9.00 10.30
C GLY A 106 7.96 10.09 9.35
N GLN A 107 7.07 10.56 8.48
CA GLN A 107 7.40 11.60 7.50
C GLN A 107 7.73 12.95 8.14
N LEU A 108 7.27 13.16 9.38
CA LEU A 108 7.49 14.43 10.06
C LEU A 108 8.96 14.88 10.16
N VAL A 109 9.84 14.00 10.62
CA VAL A 109 11.24 14.36 10.75
C VAL A 109 11.88 14.72 9.41
N LEU A 110 11.16 14.51 8.32
CA LEU A 110 11.69 14.83 7.00
C LEU A 110 11.00 16.02 6.34
N PRO A 112 10.44 20.11 5.93
CA PRO A 112 11.12 21.41 6.09
C PRO A 112 10.68 22.18 7.33
N PRO A 113 11.61 22.97 7.91
CA PRO A 113 11.40 23.79 9.10
C PRO A 113 10.14 24.66 9.11
N ASP A 114 9.60 24.94 7.93
CA ASP A 114 8.40 25.76 7.81
C ASP A 114 7.20 24.93 7.37
N GLN A 115 7.12 23.71 7.89
CA GLN A 115 6.01 22.81 7.58
C GLN A 115 5.80 21.84 8.72
N ARG A 116 6.91 21.31 9.24
CA ARG A 116 6.87 20.37 10.35
C ARG A 116 5.84 20.85 11.36
N GLU A 117 5.84 22.15 11.61
CA GLU A 117 4.91 22.77 12.53
C GLU A 117 3.47 22.39 12.17
N ALA A 118 3.08 22.67 10.95
CA ALA A 118 1.73 22.38 10.47
C ALA A 118 1.48 20.89 10.29
N LYS A 119 2.47 20.19 9.76
CA LYS A 119 2.36 18.75 9.52
C LYS A 119 2.15 18.00 10.82
N THR A 120 2.83 18.44 11.88
CA THR A 120 2.75 17.80 13.18
C THR A 120 1.41 17.96 13.88
N ALA A 121 0.81 19.13 13.74
CA ALA A 121 -0.49 19.38 14.35
C ALA A 121 -1.52 18.51 13.64
N LEU A 122 -1.36 18.40 12.33
CA LEU A 122 -2.26 17.59 11.52
C LEU A 122 -2.16 16.13 11.95
N ALA A 123 -0.94 15.62 12.00
CA ALA A 123 -0.70 14.22 12.38
C ALA A 123 -1.31 13.91 13.75
N LYS A 124 -1.07 14.79 14.72
CA LYS A 124 -1.60 14.59 16.06
C LYS A 124 -3.12 14.58 16.00
N ASP A 125 -3.68 15.49 15.20
CA ASP A 125 -5.12 15.55 15.04
C ASP A 125 -5.65 14.23 14.44
N ARG A 126 -5.03 13.76 13.37
CA ARG A 126 -5.44 12.51 12.73
C ARG A 126 -5.39 11.36 13.75
N THR A 127 -4.33 11.34 14.53
CA THR A 127 -4.16 10.30 15.54
C THR A 127 -5.31 10.30 16.56
N LYS A 128 -5.56 11.44 17.20
CA LYS A 128 -6.60 11.47 18.22
C LYS A 128 -8.04 11.50 17.74
N ASN A 129 -8.29 12.05 16.57
CA ASN A 129 -9.65 12.13 16.08
C ASN A 129 -10.07 11.14 15.02
N ARG A 130 -9.11 10.54 14.34
CA ARG A 130 -9.45 9.59 13.28
C ARG A 130 -9.02 8.15 13.54
N TYR A 131 -7.72 7.93 13.67
CA TYR A 131 -7.23 6.58 13.86
C TYR A 131 -7.40 5.95 15.23
N LEU A 132 -6.89 6.56 16.30
CA LEU A 132 -7.07 5.91 17.60
C LEU A 132 -8.54 5.62 17.85
N PRO A 133 -9.44 6.58 17.55
CA PRO A 133 -10.86 6.30 17.80
C PRO A 133 -11.37 5.08 17.00
N ALA A 134 -10.90 4.93 15.77
CA ALA A 134 -11.35 3.82 14.95
C ALA A 134 -10.99 2.46 15.58
N PHE A 135 -9.77 2.32 16.06
CA PHE A 135 -9.34 1.06 16.67
C PHE A 135 -9.89 0.83 18.06
N GLU A 136 -10.04 1.91 18.82
CA GLU A 136 -10.63 1.81 20.15
C GLU A 136 -12.02 1.22 19.92
N LYS A 137 -12.69 1.73 18.89
CA LYS A 137 -14.03 1.26 18.53
C LYS A 137 -14.06 -0.22 18.09
N VAL A 138 -13.04 -0.69 17.38
CA VAL A 138 -13.02 -2.10 16.94
C VAL A 138 -12.99 -3.01 18.16
N LEU A 139 -12.08 -2.71 19.08
CA LEU A 139 -11.95 -3.47 20.32
C LEU A 139 -13.24 -3.43 21.13
N LYS A 140 -13.87 -2.27 21.21
CA LYS A 140 -15.11 -2.12 21.95
C LYS A 140 -16.19 -2.99 21.32
N SER A 141 -16.22 -3.02 19.99
CA SER A 141 -17.23 -3.78 19.26
C SER A 141 -17.31 -5.27 19.62
N HIS A 142 -16.19 -5.88 19.98
CA HIS A 142 -16.23 -7.30 20.31
C HIS A 142 -15.68 -7.67 21.68
N GLY A 143 -15.11 -6.69 22.38
CA GLY A 143 -14.56 -6.95 23.69
C GLY A 143 -13.51 -8.06 23.76
N GLN A 144 -12.97 -8.48 22.62
CA GLN A 144 -11.96 -9.54 22.62
C GLN A 144 -10.54 -9.00 22.76
N ASP A 145 -9.59 -9.86 23.10
CA ASP A 145 -8.21 -9.40 23.30
C ASP A 145 -7.43 -9.02 22.05
N TYR A 146 -7.85 -9.52 20.90
CA TYR A 146 -7.15 -9.23 19.66
C TYR A 146 -8.09 -8.55 18.71
N LEU A 147 -7.53 -7.81 17.77
CA LEU A 147 -8.33 -7.07 16.82
C LEU A 147 -9.24 -7.93 15.97
N VAL A 148 -8.74 -9.06 15.49
CA VAL A 148 -9.52 -9.90 14.58
C VAL A 148 -9.48 -11.38 14.92
N GLY A 149 -10.64 -12.03 14.77
CA GLY A 149 -10.76 -13.46 15.01
C GLY A 149 -10.44 -13.98 16.40
N ASN A 150 -10.38 -13.09 17.38
CA ASN A 150 -10.07 -13.49 18.76
C ASN A 150 -8.76 -14.27 18.87
N ARG A 151 -7.82 -13.98 17.98
CA ARG A 151 -6.54 -14.67 17.97
C ARG A 151 -5.49 -13.69 17.42
N LEU A 152 -4.23 -13.89 17.79
CA LEU A 152 -3.19 -13.00 17.32
C LEU A 152 -3.06 -13.02 15.79
N THR A 153 -2.98 -11.84 15.17
CA THR A 153 -2.73 -11.75 13.74
C THR A 153 -1.71 -10.64 13.52
N ARG A 154 -1.30 -10.52 12.28
CA ARG A 154 -0.32 -9.52 11.89
C ARG A 154 -0.73 -8.10 12.29
N VAL A 155 -2.01 -7.80 12.24
CA VAL A 155 -2.46 -6.45 12.54
C VAL A 155 -2.37 -6.08 14.03
N ASP A 156 -2.43 -7.06 14.91
CA ASP A 156 -2.25 -6.76 16.34
C ASP A 156 -0.80 -6.26 16.49
N VAL A 157 0.10 -6.89 15.76
CA VAL A 157 1.50 -6.51 15.79
C VAL A 157 1.65 -5.12 15.14
N HIS A 158 1.00 -4.89 14.00
CA HIS A 158 1.14 -3.57 13.38
C HIS A 158 0.57 -2.48 14.29
N LEU A 159 -0.50 -2.79 15.00
CA LEU A 159 -1.10 -1.79 15.88
C LEU A 159 -0.19 -1.48 17.07
N LEU A 160 0.35 -2.51 17.71
CA LEU A 160 1.27 -2.30 18.82
C LEU A 160 2.40 -1.36 18.40
N GLU A 161 2.99 -1.66 17.24
CA GLU A 161 4.09 -0.86 16.72
C GLU A 161 3.68 0.61 16.55
N LEU A 162 2.51 0.87 15.96
CA LEU A 162 2.03 2.21 15.77
C LEU A 162 1.83 2.92 17.12
N LEU A 163 1.29 2.20 18.10
CA LEU A 163 1.06 2.79 19.42
C LEU A 163 2.38 3.26 20.05
N LEU A 164 3.46 2.52 19.79
CA LEU A 164 4.76 2.91 20.30
C LEU A 164 5.16 4.22 19.65
N TYR A 165 4.89 4.36 18.34
CA TYR A 165 5.26 5.57 17.63
C TYR A 165 4.38 6.74 18.05
N VAL A 166 3.13 6.46 18.38
CA VAL A 166 2.21 7.48 18.83
C VAL A 166 2.70 7.99 20.19
N GLU A 167 3.08 7.07 21.06
CA GLU A 167 3.57 7.41 22.38
C GLU A 167 4.85 8.25 22.28
N GLU A 168 5.69 7.98 21.28
CA GLU A 168 6.91 8.76 21.10
C GLU A 168 6.55 10.17 20.64
N LEU A 169 5.54 10.27 19.80
CA LEU A 169 5.12 11.56 19.27
C LEU A 169 4.56 12.45 20.36
N ASP A 170 3.59 11.92 21.11
CA ASP A 170 2.95 12.64 22.19
C ASP A 170 2.20 11.63 23.05
N ALA A 171 2.80 11.22 24.15
CA ALA A 171 2.21 10.25 25.05
C ALA A 171 0.79 10.57 25.51
N SER A 172 0.42 11.85 25.50
CA SER A 172 -0.93 12.21 25.94
C SER A 172 -1.99 11.77 24.93
N LEU A 173 -1.57 11.46 23.70
CA LEU A 173 -2.51 11.04 22.68
C LEU A 173 -3.26 9.76 23.03
N LEU A 174 -2.61 8.87 23.78
CA LEU A 174 -3.20 7.59 24.14
C LEU A 174 -4.08 7.62 25.37
N THR A 175 -3.97 8.68 26.15
CA THR A 175 -4.73 8.81 27.38
C THR A 175 -6.24 8.57 27.29
N PRO A 176 -6.92 9.16 26.29
CA PRO A 176 -8.37 8.97 26.18
C PRO A 176 -8.83 7.61 25.64
N PHE A 177 -7.91 6.68 25.47
CA PHE A 177 -8.27 5.38 24.91
C PHE A 177 -7.87 4.21 25.81
N PRO A 178 -8.76 3.83 26.75
CA PRO A 178 -8.52 2.74 27.69
C PRO A 178 -8.34 1.35 27.07
N LEU A 179 -9.25 0.99 26.16
CA LEU A 179 -9.15 -0.32 25.51
C LEU A 179 -7.81 -0.46 24.80
N LEU A 180 -7.36 0.61 24.15
CA LEU A 180 -6.07 0.59 23.45
C LEU A 180 -4.91 0.47 24.41
N LYS A 181 -5.03 1.09 25.58
CA LYS A 181 -3.97 1.02 26.59
C LYS A 181 -3.83 -0.42 27.13
N ALA A 182 -4.96 -1.09 27.34
CA ALA A 182 -4.95 -2.47 27.85
C ALA A 182 -4.41 -3.41 26.75
N PHE A 183 -4.78 -3.10 25.51
CA PHE A 183 -4.32 -3.88 24.36
C PHE A 183 -2.82 -3.77 24.27
N LYS A 184 -2.30 -2.55 24.35
CA LYS A 184 -0.86 -2.34 24.28
C LYS A 184 -0.12 -3.17 25.33
N SER A 185 -0.64 -3.20 26.56
CA SER A 185 0.01 -3.95 27.62
C SER A 185 0.01 -5.43 27.32
N ARG A 186 -1.16 -5.96 26.94
CA ARG A 186 -1.26 -7.39 26.66
C ARG A 186 -0.31 -7.80 25.56
N ILE A 187 -0.41 -7.16 24.40
CA ILE A 187 0.47 -7.54 23.29
C ILE A 187 1.94 -7.47 23.68
N SER A 188 2.33 -6.40 24.37
CA SER A 188 3.70 -6.24 24.82
C SER A 188 4.16 -7.38 25.73
N SER A 189 3.21 -8.05 26.40
CA SER A 189 3.57 -9.14 27.32
C SER A 189 3.84 -10.46 26.61
N LEU A 190 3.42 -10.56 25.35
CA LEU A 190 3.65 -11.79 24.60
C LEU A 190 5.15 -12.06 24.55
N PRO A 191 5.57 -13.29 24.91
CA PRO A 191 6.99 -13.67 24.92
C PRO A 191 7.83 -13.19 23.73
N ASN A 192 7.36 -13.44 22.52
CA ASN A 192 8.12 -13.03 21.34
C ASN A 192 8.21 -11.50 21.26
N VAL A 193 7.13 -10.82 21.62
CA VAL A 193 7.09 -9.36 21.58
C VAL A 193 7.96 -8.76 22.67
N LYS A 194 7.81 -9.29 23.88
CA LYS A 194 8.60 -8.83 25.02
C LYS A 194 10.08 -8.95 24.65
N LYS A 195 10.44 -10.06 24.02
CA LYS A 195 11.81 -10.32 23.61
C LYS A 195 12.34 -9.25 22.65
N PHE A 196 11.51 -8.85 21.69
CA PHE A 196 11.93 -7.84 20.73
C PHE A 196 11.97 -6.46 21.38
N LEU A 197 11.15 -6.25 22.41
CA LEU A 197 11.11 -4.94 23.09
C LEU A 197 12.30 -4.77 24.02
N GLN A 198 12.93 -5.88 24.40
CA GLN A 198 14.08 -5.79 25.28
C GLN A 198 15.29 -5.16 24.62
N PRO A 199 16.13 -4.48 25.41
CA PRO A 199 17.32 -3.84 24.86
C PRO A 199 18.21 -4.85 24.17
N GLY A 200 18.94 -4.40 23.16
CA GLY A 200 19.84 -5.28 22.45
C GLY A 200 19.22 -6.09 21.31
N SER A 201 17.90 -6.00 21.14
CA SER A 201 17.21 -6.70 20.05
C SER A 201 17.46 -5.91 18.77
N GLN A 202 17.02 -6.46 17.64
CA GLN A 202 17.19 -5.81 16.36
C GLN A 202 16.18 -4.67 16.11
N ARG A 203 15.36 -4.36 17.12
CA ARG A 203 14.39 -3.27 17.01
C ARG A 203 15.19 -1.97 16.84
N LYS A 204 14.75 -1.10 15.93
CA LYS A 204 15.46 0.14 15.67
C LYS A 204 14.84 1.35 16.35
N PRO A 205 15.67 2.36 16.67
CA PRO A 205 15.25 3.58 17.33
C PRO A 205 14.88 4.68 16.33
N PRO A 206 14.24 5.75 16.82
CA PRO A 206 13.89 6.83 15.90
C PRO A 206 15.25 7.44 15.57
N LEU A 207 15.37 8.08 14.43
CA LEU A 207 16.63 8.71 14.08
C LEU A 207 16.53 10.17 14.50
N ASP A 208 17.64 10.74 14.98
CA ASP A 208 17.61 12.13 15.40
C ASP A 208 17.92 13.03 14.22
N ALA A 209 17.94 14.34 14.47
CA ALA A 209 18.20 15.34 13.43
C ALA A 209 19.57 15.17 12.78
N LYS A 210 20.60 15.06 13.59
CA LYS A 210 21.96 14.92 13.09
C LYS A 210 22.08 13.69 12.19
N GLN A 211 21.61 12.55 12.69
CA GLN A 211 21.66 11.29 11.96
C GLN A 211 20.94 11.41 10.62
N ILE A 212 19.80 12.09 10.62
CA ILE A 212 19.04 12.27 9.39
C ILE A 212 19.84 13.10 8.40
N GLU A 213 20.37 14.23 8.86
CA GLU A 213 21.15 15.10 8.01
C GLU A 213 22.38 14.37 7.48
N GLU A 214 22.98 13.56 8.33
CA GLU A 214 24.15 12.79 7.95
C GLU A 214 23.81 11.95 6.72
N ALA A 215 22.86 11.02 6.89
CA ALA A 215 22.46 10.14 5.80
C ALA A 215 21.94 10.93 4.60
N ARG A 216 21.30 12.05 4.86
CA ARG A 216 20.76 12.87 3.78
C ARG A 216 21.87 13.31 2.82
N LYS A 217 23.07 13.49 3.35
CA LYS A 217 24.20 13.90 2.52
C LYS A 217 24.98 12.68 2.07
N VAL A 218 25.04 11.66 2.92
CA VAL A 218 25.74 10.42 2.61
C VAL A 218 25.13 9.75 1.40
N PHE A 219 23.83 9.93 1.21
CA PHE A 219 23.10 9.37 0.09
C PHE A 219 22.39 10.48 -0.68
N LYS A 220 21.52 10.11 -1.61
CA LYS A 220 20.78 11.07 -2.42
C LYS A 220 19.45 11.49 -1.78
N PHE A 221 19.29 11.23 -0.49
CA PHE A 221 18.05 11.58 0.21
C PHE A 221 17.80 13.09 0.26
N GLY B 2 -27.24 -8.75 -5.97
CA GLY B 2 -26.37 -8.12 -4.93
C GLY B 2 -25.11 -7.53 -5.53
N LYS B 3 -25.26 -6.41 -6.24
CA LYS B 3 -24.13 -5.75 -6.88
C LYS B 3 -23.29 -4.92 -5.90
N PRO B 4 -21.97 -4.96 -6.06
CA PRO B 4 -21.14 -4.16 -5.15
C PRO B 4 -21.49 -2.70 -5.41
N VAL B 5 -21.39 -1.85 -4.40
CA VAL B 5 -21.66 -0.43 -4.59
C VAL B 5 -20.36 0.33 -4.33
N LEU B 6 -19.90 1.09 -5.32
CA LEU B 6 -18.66 1.83 -5.17
C LEU B 6 -18.94 3.29 -4.81
N HIS B 7 -18.41 3.71 -3.66
CA HIS B 7 -18.60 5.07 -3.18
C HIS B 7 -17.33 5.86 -3.42
N TYR B 8 -17.40 6.78 -4.37
CA TYR B 8 -16.25 7.61 -4.68
C TYR B 8 -16.73 8.81 -5.45
N PHE B 9 -15.82 9.74 -5.72
CA PHE B 9 -16.14 10.92 -6.51
C PHE B 9 -16.32 10.39 -7.94
N ASN B 10 -16.89 11.21 -8.82
CA ASN B 10 -17.07 10.79 -10.21
C ASN B 10 -15.76 11.09 -10.91
N ALA B 11 -14.74 10.28 -10.64
CA ALA B 11 -13.43 10.47 -11.25
C ALA B 11 -12.65 9.18 -11.09
N ARG B 12 -11.46 9.12 -11.69
CA ARG B 12 -10.63 7.94 -11.57
C ARG B 12 -10.18 7.72 -10.13
N GLY B 13 -9.25 8.57 -9.71
CA GLY B 13 -8.69 8.51 -8.38
C GLY B 13 -8.22 7.12 -8.01
N ARG B 14 -8.40 6.78 -6.74
CA ARG B 14 -7.99 5.47 -6.24
C ARG B 14 -9.06 4.42 -6.48
N MET B 15 -10.22 4.81 -7.01
CA MET B 15 -11.30 3.84 -7.23
C MET B 15 -11.20 3.11 -8.59
N GLU B 16 -10.59 3.76 -9.57
CA GLU B 16 -10.46 3.22 -10.91
C GLU B 16 -9.83 1.83 -10.97
N CYS B 17 -8.81 1.58 -10.15
CA CYS B 17 -8.16 0.27 -10.17
C CYS B 17 -9.14 -0.78 -9.70
N ILE B 18 -10.06 -0.38 -8.83
CA ILE B 18 -11.07 -1.30 -8.32
C ILE B 18 -12.12 -1.52 -9.44
N ARG B 19 -12.49 -0.45 -10.14
CA ARG B 19 -13.46 -0.56 -11.24
C ARG B 19 -12.90 -1.55 -12.26
N TRP B 20 -11.63 -1.37 -12.61
CA TRP B 20 -10.96 -2.23 -13.57
C TRP B 20 -10.98 -3.69 -13.14
N LEU B 21 -10.64 -3.95 -11.88
CA LEU B 21 -10.60 -5.33 -11.42
C LEU B 21 -11.97 -5.99 -11.46
N LEU B 22 -13.01 -5.28 -11.03
CA LEU B 22 -14.37 -5.83 -11.07
C LEU B 22 -14.79 -6.05 -12.53
N ALA B 23 -14.49 -5.10 -13.41
CA ALA B 23 -14.86 -5.22 -14.82
C ALA B 23 -14.19 -6.45 -15.43
N ALA B 24 -12.91 -6.61 -15.17
CA ALA B 24 -12.17 -7.75 -15.73
C ALA B 24 -12.74 -9.06 -15.21
N ALA B 25 -13.18 -9.07 -13.96
CA ALA B 25 -13.76 -10.28 -13.38
C ALA B 25 -15.15 -10.50 -13.97
N GLY B 26 -15.63 -9.52 -14.72
CA GLY B 26 -16.96 -9.65 -15.29
C GLY B 26 -18.01 -9.39 -14.23
N VAL B 27 -17.69 -8.64 -13.18
CA VAL B 27 -18.67 -8.38 -12.14
C VAL B 27 -19.36 -7.01 -12.29
N GLU B 28 -20.69 -7.03 -12.36
CA GLU B 28 -21.45 -5.79 -12.50
C GLU B 28 -21.51 -5.05 -11.18
N PHE B 29 -21.31 -3.74 -11.23
CA PHE B 29 -21.35 -2.94 -10.01
C PHE B 29 -22.11 -1.63 -10.24
N GLU B 30 -22.49 -0.99 -9.15
CA GLU B 30 -23.19 0.28 -9.20
C GLU B 30 -22.26 1.26 -8.53
N GLU B 31 -22.52 2.54 -8.76
CA GLU B 31 -21.70 3.58 -8.17
C GLU B 31 -22.61 4.63 -7.53
N LYS B 32 -22.18 5.18 -6.40
CA LYS B 32 -22.91 6.24 -5.72
C LYS B 32 -21.90 7.36 -5.65
N PHE B 33 -22.04 8.33 -6.54
CA PHE B 33 -21.09 9.41 -6.58
C PHE B 33 -21.21 10.44 -5.48
N ILE B 34 -20.05 10.89 -5.02
CA ILE B 34 -19.96 11.90 -3.98
C ILE B 34 -19.85 13.17 -4.81
N GLN B 35 -20.93 13.96 -4.81
CA GLN B 35 -20.97 15.18 -5.60
C GLN B 35 -20.82 16.48 -4.80
N SER B 36 -21.01 16.39 -3.49
CA SER B 36 -20.90 17.56 -2.62
C SER B 36 -20.37 17.18 -1.24
N PRO B 37 -19.79 18.17 -0.51
CA PRO B 37 -19.24 17.94 0.82
C PRO B 37 -20.29 17.29 1.72
N GLU B 38 -21.55 17.58 1.44
CA GLU B 38 -22.66 17.03 2.20
C GLU B 38 -22.73 15.51 2.00
N ASP B 39 -22.54 15.07 0.78
CA ASP B 39 -22.59 13.64 0.49
C ASP B 39 -21.51 12.94 1.32
N LEU B 40 -20.31 13.50 1.28
CA LEU B 40 -19.20 12.93 2.02
C LEU B 40 -19.45 12.98 3.52
N GLU B 41 -19.94 14.12 4.00
CA GLU B 41 -20.24 14.26 5.42
C GLU B 41 -21.24 13.23 5.91
N LYS B 42 -22.23 12.95 5.07
CA LYS B 42 -23.26 11.98 5.43
C LYS B 42 -22.67 10.58 5.58
N LEU B 43 -21.76 10.22 4.68
CA LEU B 43 -21.11 8.91 4.76
C LEU B 43 -20.36 8.78 6.07
N LYS B 44 -19.64 9.83 6.44
CA LYS B 44 -18.89 9.82 7.69
C LYS B 44 -19.78 9.69 8.92
N LYS B 45 -20.78 10.58 9.00
CA LYS B 45 -21.72 10.60 10.12
C LYS B 45 -22.46 9.29 10.31
N ASP B 46 -22.89 8.68 9.22
CA ASP B 46 -23.64 7.43 9.31
C ASP B 46 -22.79 6.23 9.68
N GLY B 47 -21.52 6.50 10.00
CA GLY B 47 -20.56 5.47 10.41
C GLY B 47 -20.12 4.52 9.31
N ASN B 48 -20.20 4.94 8.07
CA ASN B 48 -19.85 4.10 6.93
C ASN B 48 -18.41 4.06 6.49
N LEU B 49 -17.57 4.95 7.00
CA LEU B 49 -16.18 4.98 6.60
C LEU B 49 -15.31 4.79 7.82
N MET B 50 -14.68 3.62 7.93
CA MET B 50 -13.84 3.34 9.09
C MET B 50 -12.83 4.43 9.42
N PHE B 51 -12.24 5.03 8.40
CA PHE B 51 -11.27 6.10 8.63
C PHE B 51 -11.72 7.40 7.96
N ASP B 52 -13.02 7.54 7.79
CA ASP B 52 -13.64 8.72 7.18
C ASP B 52 -13.07 9.08 5.82
N GLN B 53 -12.71 8.07 5.03
CA GLN B 53 -12.17 8.29 3.70
C GLN B 53 -12.80 7.30 2.73
N VAL B 54 -12.79 7.66 1.45
CA VAL B 54 -13.26 6.74 0.42
C VAL B 54 -11.96 6.56 -0.35
N PRO B 55 -11.90 5.57 -1.25
CA PRO B 55 -12.90 4.59 -1.66
C PRO B 55 -13.53 3.76 -0.56
N MET B 56 -14.80 3.44 -0.75
CA MET B 56 -15.54 2.56 0.14
C MET B 56 -16.39 1.70 -0.79
N VAL B 57 -16.39 0.39 -0.56
CA VAL B 57 -17.16 -0.50 -1.41
C VAL B 57 -18.07 -1.37 -0.53
N GLU B 58 -19.35 -1.39 -0.86
CA GLU B 58 -20.29 -2.21 -0.13
C GLU B 58 -20.29 -3.53 -0.87
N ILE B 59 -19.78 -4.58 -0.22
CA ILE B 59 -19.74 -5.88 -0.85
C ILE B 59 -19.83 -6.94 0.24
N ASP B 60 -20.70 -7.92 0.02
CA ASP B 60 -20.89 -9.02 0.96
C ASP B 60 -21.14 -8.63 2.42
N GLY B 61 -21.98 -7.63 2.63
CA GLY B 61 -22.32 -7.21 3.98
C GLY B 61 -21.29 -6.30 4.63
N MET B 62 -20.19 -6.04 3.94
CA MET B 62 -19.16 -5.17 4.50
C MET B 62 -19.17 -3.78 3.86
N LYS B 63 -18.67 -2.81 4.61
CA LYS B 63 -18.48 -1.45 4.11
C LYS B 63 -16.97 -1.34 4.21
N LEU B 64 -16.32 -1.92 3.19
CA LEU B 64 -14.89 -2.01 3.10
C LEU B 64 -14.21 -0.76 2.59
N VAL B 65 -13.25 -0.24 3.35
CA VAL B 65 -12.47 0.92 2.91
C VAL B 65 -11.01 0.48 2.77
N GLN B 66 -10.19 1.38 2.22
CA GLN B 66 -8.77 1.18 1.93
C GLN B 66 -8.63 0.41 0.62
N THR B 67 -8.17 1.12 -0.40
CA THR B 67 -8.00 0.58 -1.74
C THR B 67 -7.39 -0.83 -1.82
N ARG B 68 -6.27 -1.05 -1.13
CA ARG B 68 -5.64 -2.36 -1.19
C ARG B 68 -6.45 -3.47 -0.55
N ALA B 69 -7.13 -3.17 0.55
CA ALA B 69 -7.94 -4.16 1.21
C ALA B 69 -9.09 -4.59 0.30
N ILE B 70 -9.69 -3.61 -0.40
CA ILE B 70 -10.80 -3.87 -1.34
C ILE B 70 -10.32 -4.71 -2.53
N LEU B 71 -9.17 -4.33 -3.09
CA LEU B 71 -8.58 -5.03 -4.23
C LEU B 71 -8.23 -6.47 -3.84
N ASN B 72 -7.65 -6.63 -2.66
CA ASN B 72 -7.24 -7.95 -2.19
C ASN B 72 -8.46 -8.85 -2.03
N TYR B 73 -9.54 -8.29 -1.49
CA TYR B 73 -10.75 -9.07 -1.27
C TYR B 73 -11.36 -9.52 -2.59
N ILE B 74 -11.49 -8.59 -3.52
CA ILE B 74 -12.05 -8.87 -4.82
C ILE B 74 -11.20 -9.85 -5.62
N ALA B 75 -9.89 -9.69 -5.59
CA ALA B 75 -9.03 -10.60 -6.33
C ALA B 75 -9.18 -12.01 -5.79
N THR B 76 -9.28 -12.15 -4.46
CA THR B 76 -9.42 -13.46 -3.87
C THR B 76 -10.78 -14.06 -4.21
N LYS B 77 -11.82 -13.26 -4.04
CA LYS B 77 -13.18 -13.73 -4.33
C LYS B 77 -13.39 -14.22 -5.75
N TYR B 78 -12.80 -13.54 -6.73
CA TYR B 78 -12.97 -13.95 -8.11
C TYR B 78 -11.78 -14.67 -8.72
N ASP B 79 -11.01 -15.35 -7.88
CA ASP B 79 -9.87 -16.13 -8.33
C ASP B 79 -8.89 -15.40 -9.24
N LEU B 80 -8.59 -14.14 -8.93
CA LEU B 80 -7.64 -13.40 -9.71
C LEU B 80 -6.39 -13.09 -8.84
N TYR B 81 -6.17 -13.91 -7.81
CA TYR B 81 -5.05 -13.72 -6.90
C TYR B 81 -4.05 -14.88 -6.95
N GLY B 82 -4.02 -15.61 -8.06
CA GLY B 82 -3.10 -16.72 -8.19
C GLY B 82 -3.53 -17.93 -7.39
N LYS B 83 -2.67 -18.93 -7.33
CA LYS B 83 -3.01 -20.18 -6.64
C LYS B 83 -2.33 -20.48 -5.32
N ASP B 84 -1.18 -19.85 -5.05
CA ASP B 84 -0.51 -20.13 -3.77
C ASP B 84 0.22 -18.89 -3.28
N MET B 85 0.82 -18.98 -2.09
CA MET B 85 1.51 -17.83 -1.51
C MET B 85 2.74 -17.38 -2.28
N LYS B 86 3.42 -18.30 -2.98
CA LYS B 86 4.59 -17.92 -3.78
C LYS B 86 4.12 -17.07 -4.96
N GLU B 87 3.04 -17.51 -5.60
CA GLU B 87 2.48 -16.77 -6.72
C GLU B 87 1.98 -15.41 -6.22
N ARG B 88 1.37 -15.40 -5.05
CA ARG B 88 0.88 -14.16 -4.48
C ARG B 88 2.02 -13.20 -4.17
N ALA B 89 3.19 -13.74 -3.78
CA ALA B 89 4.36 -12.86 -3.52
C ALA B 89 4.74 -12.12 -4.80
N LEU B 90 4.79 -12.83 -5.94
CA LEU B 90 5.10 -12.21 -7.22
C LEU B 90 3.99 -11.21 -7.60
N ILE B 91 2.75 -11.63 -7.48
CA ILE B 91 1.63 -10.75 -7.81
C ILE B 91 1.66 -9.47 -6.96
N ASP B 92 1.93 -9.63 -5.66
CA ASP B 92 1.98 -8.47 -4.76
C ASP B 92 3.14 -7.56 -5.07
N MET B 93 4.31 -8.16 -5.30
CA MET B 93 5.48 -7.37 -5.61
C MET B 93 5.26 -6.58 -6.89
N TYR B 94 4.73 -7.22 -7.92
CA TYR B 94 4.48 -6.53 -9.18
C TYR B 94 3.43 -5.44 -9.03
N THR B 95 2.36 -5.78 -8.32
CA THR B 95 1.24 -4.86 -8.09
C THR B 95 1.69 -3.58 -7.37
N GLU B 96 2.50 -3.73 -6.33
CA GLU B 96 2.99 -2.57 -5.57
C GLU B 96 3.82 -1.65 -6.48
N GLY B 97 4.66 -2.22 -7.35
CA GLY B 97 5.44 -1.38 -8.26
C GLY B 97 4.53 -0.57 -9.18
N ILE B 98 3.52 -1.24 -9.70
CA ILE B 98 2.55 -0.62 -10.58
C ILE B 98 1.79 0.47 -9.85
N LEU B 99 1.37 0.20 -8.62
CA LEU B 99 0.62 1.19 -7.86
C LEU B 99 1.51 2.40 -7.57
N ASP B 100 2.79 2.15 -7.31
CA ASP B 100 3.72 3.25 -7.05
C ASP B 100 3.78 4.19 -8.25
N LEU B 101 3.94 3.64 -9.44
CA LEU B 101 4.04 4.47 -10.63
C LEU B 101 2.73 5.15 -10.97
N THR B 102 1.63 4.41 -10.81
CA THR B 102 0.32 4.96 -11.07
C THR B 102 0.10 6.20 -10.21
N GLU B 103 0.53 6.13 -8.96
CA GLU B 103 0.36 7.23 -8.04
C GLU B 103 1.21 8.43 -8.48
N MET B 104 2.46 8.16 -8.81
CA MET B 104 3.39 9.18 -9.25
C MET B 104 2.82 9.92 -10.46
N ILE B 105 2.26 9.18 -11.41
CA ILE B 105 1.69 9.79 -12.59
C ILE B 105 0.40 10.57 -12.29
N GLY B 106 -0.51 9.94 -11.54
CA GLY B 106 -1.75 10.62 -11.21
C GLY B 106 -1.53 11.88 -10.40
N GLN B 107 -0.48 11.88 -9.59
CA GLN B 107 -0.14 13.02 -8.73
C GLN B 107 0.28 14.30 -9.48
N LEU B 108 0.72 14.14 -10.73
CA LEU B 108 1.18 15.27 -11.53
C LEU B 108 0.24 16.46 -11.69
N VAL B 109 -1.03 16.20 -11.97
CA VAL B 109 -1.99 17.28 -12.16
C VAL B 109 -2.27 18.05 -10.89
N LEU B 110 -1.76 17.53 -9.77
CA LEU B 110 -1.97 18.19 -8.49
C LEU B 110 -0.76 18.97 -8.00
N PRO B 112 2.12 21.80 -7.52
CA PRO B 112 2.10 23.25 -7.64
C PRO B 112 2.70 23.57 -9.03
N PRO B 113 2.20 24.62 -9.69
CA PRO B 113 2.69 25.00 -11.01
C PRO B 113 4.20 25.08 -11.14
N ASP B 114 4.86 25.61 -10.11
CA ASP B 114 6.31 25.76 -10.13
C ASP B 114 7.08 24.47 -9.96
N GLN B 115 6.38 23.40 -9.57
CA GLN B 115 7.06 22.12 -9.38
C GLN B 115 6.70 21.08 -10.41
N ARG B 116 5.61 21.32 -11.13
CA ARG B 116 5.12 20.34 -12.08
C ARG B 116 6.01 19.90 -13.26
N GLU B 117 6.82 20.79 -13.82
CA GLU B 117 7.69 20.40 -14.94
C GLU B 117 8.73 19.40 -14.43
N ALA B 118 9.33 19.70 -13.28
CA ALA B 118 10.34 18.81 -12.69
C ALA B 118 9.74 17.44 -12.33
N LYS B 119 8.58 17.44 -11.67
CA LYS B 119 7.90 16.20 -11.26
C LYS B 119 7.54 15.35 -12.47
N THR B 120 7.17 16.02 -13.55
CA THR B 120 6.81 15.30 -14.78
C THR B 120 8.02 14.63 -15.43
N ALA B 121 9.16 15.30 -15.44
CA ALA B 121 10.35 14.70 -16.05
C ALA B 121 10.76 13.50 -15.21
N LEU B 122 10.64 13.65 -13.90
CA LEU B 122 10.99 12.58 -12.99
C LEU B 122 10.07 11.37 -13.24
N ALA B 123 8.78 11.63 -13.35
CA ALA B 123 7.83 10.55 -13.60
C ALA B 123 8.16 9.82 -14.90
N LYS B 124 8.46 10.57 -15.96
CA LYS B 124 8.79 9.98 -17.24
C LYS B 124 10.09 9.17 -17.15
N ASP B 125 11.05 9.69 -16.40
CA ASP B 125 12.31 9.00 -16.24
C ASP B 125 12.08 7.67 -15.53
N ARG B 126 11.33 7.69 -14.45
CA ARG B 126 11.05 6.46 -13.70
C ARG B 126 10.31 5.47 -14.60
N THR B 127 9.41 5.98 -15.41
CA THR B 127 8.65 5.10 -16.30
C THR B 127 9.54 4.37 -17.30
N LYS B 128 10.36 5.11 -18.04
CA LYS B 128 11.19 4.45 -19.03
C LYS B 128 12.44 3.77 -18.51
N ASN B 129 13.00 4.27 -17.41
CA ASN B 129 14.21 3.67 -16.90
C ASN B 129 14.07 2.66 -15.76
N ARG B 130 12.95 2.73 -15.04
CA ARG B 130 12.78 1.81 -13.93
C ARG B 130 11.66 0.79 -14.11
N TYR B 131 10.42 1.30 -14.19
CA TYR B 131 9.26 0.43 -14.26
C TYR B 131 8.98 -0.35 -15.52
N LEU B 132 8.93 0.31 -16.66
CA LEU B 132 8.65 -0.44 -17.89
C LEU B 132 9.73 -1.50 -18.13
N PRO B 133 11.02 -1.15 -17.94
CA PRO B 133 12.05 -2.17 -18.16
C PRO B 133 11.82 -3.37 -17.24
N ALA B 134 11.45 -3.10 -15.98
CA ALA B 134 11.20 -4.19 -15.04
C ALA B 134 10.14 -5.18 -15.55
N PHE B 135 9.03 -4.67 -16.07
CA PHE B 135 7.98 -5.57 -16.54
C PHE B 135 8.29 -6.20 -17.89
N GLU B 136 8.99 -5.46 -18.74
CA GLU B 136 9.39 -6.01 -20.04
C GLU B 136 10.24 -7.22 -19.68
N LYS B 137 11.11 -7.04 -18.70
CA LYS B 137 11.99 -8.12 -18.24
C LYS B 137 11.24 -9.34 -17.70
N VAL B 138 10.15 -9.14 -16.94
CA VAL B 138 9.38 -10.27 -16.41
C VAL B 138 8.84 -11.12 -17.55
N LEU B 139 8.22 -10.46 -18.52
CA LEU B 139 7.67 -11.14 -19.69
C LEU B 139 8.78 -11.90 -20.45
N LYS B 140 9.90 -11.22 -20.68
CA LYS B 140 11.01 -11.84 -21.40
C LYS B 140 11.50 -13.08 -20.64
N SER B 141 11.57 -12.97 -19.32
CA SER B 141 12.04 -14.07 -18.47
C SER B 141 11.32 -15.41 -18.67
N HIS B 142 10.02 -15.40 -18.98
CA HIS B 142 9.30 -16.65 -19.15
C HIS B 142 8.55 -16.82 -20.47
N GLY B 143 8.58 -15.78 -21.31
CA GLY B 143 7.90 -15.85 -22.59
C GLY B 143 6.43 -16.21 -22.58
N GLN B 144 5.77 -16.18 -21.42
CA GLN B 144 4.35 -16.51 -21.37
C GLN B 144 3.46 -15.29 -21.60
N ASP B 145 2.18 -15.53 -21.88
CA ASP B 145 1.22 -14.46 -22.16
C ASP B 145 0.84 -13.58 -21.00
N TYR B 146 0.91 -14.12 -19.79
CA TYR B 146 0.55 -13.37 -18.59
C TYR B 146 1.74 -13.19 -17.68
N LEU B 147 1.66 -12.18 -16.82
CA LEU B 147 2.76 -11.91 -15.92
C LEU B 147 3.08 -13.06 -14.98
N VAL B 148 2.06 -13.63 -14.36
CA VAL B 148 2.26 -14.69 -13.39
C VAL B 148 1.46 -15.97 -13.60
N GLY B 149 2.10 -17.10 -13.36
CA GLY B 149 1.43 -18.39 -13.48
C GLY B 149 0.83 -18.77 -14.82
N ASN B 150 1.25 -18.11 -15.89
CA ASN B 150 0.74 -18.40 -17.22
C ASN B 150 -0.80 -18.34 -17.30
N ARG B 151 -1.41 -17.56 -16.41
CA ARG B 151 -2.85 -17.42 -16.37
C ARG B 151 -3.18 -15.97 -16.02
N LEU B 152 -4.39 -15.52 -16.34
CA LEU B 152 -4.78 -14.16 -16.02
C LEU B 152 -4.88 -13.96 -14.52
N THR B 153 -4.31 -12.87 -14.02
CA THR B 153 -4.45 -12.56 -12.59
C THR B 153 -4.69 -11.09 -12.51
N ARG B 154 -4.95 -10.63 -11.30
CA ARG B 154 -5.21 -9.22 -11.06
C ARG B 154 -4.07 -8.33 -11.56
N VAL B 155 -2.84 -8.81 -11.49
CA VAL B 155 -1.74 -7.91 -11.88
C VAL B 155 -1.67 -7.63 -13.39
N ASP B 156 -2.16 -8.56 -14.21
CA ASP B 156 -2.19 -8.32 -15.65
C ASP B 156 -3.17 -7.14 -15.89
N VAL B 157 -4.25 -7.12 -15.11
CA VAL B 157 -5.24 -6.04 -15.23
C VAL B 157 -4.57 -4.74 -14.76
N HIS B 158 -3.95 -4.77 -13.58
CA HIS B 158 -3.30 -3.55 -13.10
C HIS B 158 -2.26 -3.03 -14.12
N LEU B 159 -1.49 -3.91 -14.73
CA LEU B 159 -0.47 -3.45 -15.67
C LEU B 159 -1.07 -2.83 -16.93
N LEU B 160 -2.12 -3.44 -17.47
CA LEU B 160 -2.79 -2.88 -18.63
C LEU B 160 -3.24 -1.45 -18.31
N GLU B 161 -3.88 -1.29 -17.15
CA GLU B 161 -4.39 0.01 -16.72
C GLU B 161 -3.24 1.02 -16.69
N LEU B 162 -2.12 0.64 -16.09
CA LEU B 162 -0.96 1.53 -16.02
C LEU B 162 -0.46 1.93 -17.41
N LEU B 163 -0.44 0.97 -18.34
CA LEU B 163 0.03 1.25 -19.70
C LEU B 163 -0.85 2.30 -20.36
N LEU B 164 -2.14 2.28 -20.06
CA LEU B 164 -3.04 3.26 -20.63
C LEU B 164 -2.66 4.65 -20.12
N TYR B 165 -2.34 4.74 -18.84
CA TYR B 165 -1.97 6.03 -18.27
C TYR B 165 -0.61 6.46 -18.78
N VAL B 166 0.26 5.50 -19.03
CA VAL B 166 1.58 5.83 -19.56
C VAL B 166 1.40 6.37 -20.98
N GLU B 167 0.49 5.76 -21.73
CA GLU B 167 0.23 6.19 -23.11
C GLU B 167 -0.33 7.60 -23.13
N GLU B 168 -1.11 7.94 -22.09
CA GLU B 168 -1.69 9.27 -21.98
C GLU B 168 -0.63 10.29 -21.62
N LEU B 169 0.32 9.88 -20.81
CA LEU B 169 1.39 10.77 -20.37
C LEU B 169 2.29 11.14 -21.54
N ASP B 170 2.81 10.12 -22.21
CA ASP B 170 3.70 10.30 -23.34
C ASP B 170 3.73 8.96 -24.07
N ALA B 171 3.01 8.87 -25.17
CA ALA B 171 2.93 7.64 -25.92
C ALA B 171 4.29 7.10 -26.38
N SER B 172 5.30 7.97 -26.49
CA SER B 172 6.61 7.50 -26.94
C SER B 172 7.33 6.67 -25.88
N LEU B 173 6.81 6.69 -24.65
CA LEU B 173 7.43 5.93 -23.58
C LEU B 173 7.31 4.41 -23.79
N LEU B 174 6.27 3.98 -24.50
CA LEU B 174 6.04 2.55 -24.74
C LEU B 174 6.76 1.98 -25.95
N THR B 175 7.27 2.87 -26.81
CA THR B 175 7.94 2.45 -28.03
C THR B 175 9.06 1.41 -27.86
N PRO B 176 9.99 1.65 -26.94
CA PRO B 176 11.11 0.71 -26.73
C PRO B 176 10.79 -0.60 -26.03
N PHE B 177 9.51 -0.92 -25.86
CA PHE B 177 9.15 -2.15 -25.16
C PHE B 177 8.18 -3.01 -25.95
N PRO B 178 8.69 -3.86 -26.85
CA PRO B 178 7.86 -4.73 -27.69
C PRO B 178 6.99 -5.74 -26.93
N LEU B 179 7.58 -6.43 -25.96
CA LEU B 179 6.82 -7.41 -25.19
C LEU B 179 5.64 -6.72 -24.50
N LEU B 180 5.88 -5.52 -23.97
CA LEU B 180 4.80 -4.80 -23.30
C LEU B 180 3.75 -4.37 -24.30
N LYS B 181 4.19 -3.99 -25.51
CA LYS B 181 3.22 -3.59 -26.53
C LYS B 181 2.31 -4.76 -26.89
N ALA B 182 2.90 -5.95 -27.06
CA ALA B 182 2.10 -7.12 -27.42
C ALA B 182 1.17 -7.50 -26.26
N PHE B 183 1.68 -7.40 -25.04
CA PHE B 183 0.89 -7.72 -23.85
C PHE B 183 -0.36 -6.83 -23.84
N LYS B 184 -0.14 -5.54 -24.05
CA LYS B 184 -1.23 -4.56 -24.04
C LYS B 184 -2.32 -4.97 -25.03
N SER B 185 -1.91 -5.33 -26.25
CA SER B 185 -2.88 -5.74 -27.25
C SER B 185 -3.66 -6.97 -26.81
N ARG B 186 -2.97 -7.99 -26.30
CA ARG B 186 -3.64 -9.22 -25.87
C ARG B 186 -4.65 -9.04 -24.74
N ILE B 187 -4.23 -8.42 -23.65
CA ILE B 187 -5.15 -8.23 -22.54
C ILE B 187 -6.34 -7.38 -23.00
N SER B 188 -6.07 -6.36 -23.82
CA SER B 188 -7.13 -5.49 -24.32
C SER B 188 -8.20 -6.26 -25.09
N SER B 189 -7.80 -7.37 -25.69
CA SER B 189 -8.72 -8.20 -26.48
C SER B 189 -9.60 -9.12 -25.67
N LEU B 190 -9.29 -9.32 -24.39
CA LEU B 190 -10.13 -10.19 -23.57
C LEU B 190 -11.54 -9.59 -23.55
N PRO B 191 -12.57 -10.44 -23.65
CA PRO B 191 -13.96 -10.00 -23.67
C PRO B 191 -14.36 -9.02 -22.57
N ASN B 192 -14.09 -9.37 -21.32
CA ASN B 192 -14.45 -8.48 -20.23
C ASN B 192 -13.72 -7.14 -20.30
N VAL B 193 -12.45 -7.18 -20.70
CA VAL B 193 -11.64 -5.98 -20.81
C VAL B 193 -12.10 -5.10 -21.98
N LYS B 194 -12.26 -5.73 -23.13
CA LYS B 194 -12.73 -5.04 -24.34
C LYS B 194 -14.03 -4.31 -24.01
N LYS B 195 -14.90 -5.00 -23.27
CA LYS B 195 -16.17 -4.43 -22.87
C LYS B 195 -15.98 -3.14 -22.02
N PHE B 196 -15.03 -3.16 -21.08
CA PHE B 196 -14.78 -2.00 -20.22
C PHE B 196 -14.07 -0.88 -21.01
N LEU B 197 -13.31 -1.24 -22.04
CA LEU B 197 -12.63 -0.24 -22.83
C LEU B 197 -13.55 0.47 -23.83
N GLN B 198 -14.68 -0.17 -24.15
CA GLN B 198 -15.61 0.42 -25.11
C GLN B 198 -16.33 1.62 -24.53
N PRO B 199 -16.72 2.57 -25.39
CA PRO B 199 -17.43 3.77 -24.91
C PRO B 199 -18.72 3.41 -24.18
N GLY B 200 -19.11 4.26 -23.23
CA GLY B 200 -20.33 4.01 -22.48
C GLY B 200 -20.16 3.17 -21.23
N SER B 201 -18.97 2.61 -21.02
CA SER B 201 -18.70 1.81 -19.82
C SER B 201 -18.51 2.77 -18.65
N GLN B 202 -18.37 2.20 -17.46
CA GLN B 202 -18.14 2.97 -16.25
C GLN B 202 -16.66 3.38 -16.07
N ARG B 203 -15.84 3.08 -17.08
CA ARG B 203 -14.42 3.45 -17.04
C ARG B 203 -14.41 4.96 -17.00
N LYS B 204 -13.49 5.55 -16.24
CA LYS B 204 -13.43 7.00 -16.08
C LYS B 204 -12.30 7.64 -16.89
N PRO B 205 -12.47 8.90 -17.33
CA PRO B 205 -11.45 9.61 -18.11
C PRO B 205 -10.50 10.38 -17.18
N PRO B 206 -9.47 11.03 -17.73
CA PRO B 206 -8.59 11.78 -16.86
C PRO B 206 -9.38 13.05 -16.55
N LEU B 207 -9.01 13.78 -15.51
CA LEU B 207 -9.71 15.02 -15.21
C LEU B 207 -8.86 16.15 -15.76
N ASP B 208 -9.50 17.16 -16.35
CA ASP B 208 -8.73 18.29 -16.89
C ASP B 208 -8.51 19.34 -15.81
N ALA B 209 -7.77 20.39 -16.18
CA ALA B 209 -7.43 21.48 -15.26
C ALA B 209 -8.64 22.13 -14.62
N LYS B 210 -9.60 22.53 -15.44
CA LYS B 210 -10.81 23.18 -14.96
C LYS B 210 -11.54 22.29 -13.95
N GLN B 211 -11.71 21.02 -14.29
CA GLN B 211 -12.40 20.05 -13.43
C GLN B 211 -11.69 19.81 -12.10
N ILE B 212 -10.37 19.61 -12.16
CA ILE B 212 -9.60 19.38 -10.95
C ILE B 212 -9.71 20.61 -10.06
N GLU B 213 -9.51 21.78 -10.66
CA GLU B 213 -9.59 23.06 -9.94
C GLU B 213 -10.95 23.30 -9.30
N GLU B 214 -12.01 23.06 -10.05
CA GLU B 214 -13.36 23.27 -9.54
C GLU B 214 -13.75 22.28 -8.45
N ALA B 215 -13.20 21.07 -8.51
CA ALA B 215 -13.49 20.06 -7.50
C ALA B 215 -12.69 20.33 -6.23
N ARG B 216 -11.51 20.90 -6.38
CA ARG B 216 -10.68 21.23 -5.22
C ARG B 216 -11.40 22.28 -4.38
N LYS B 217 -12.19 23.11 -5.08
CA LYS B 217 -12.93 24.19 -4.43
C LYS B 217 -14.28 23.72 -3.89
N VAL B 218 -14.90 22.76 -4.56
CA VAL B 218 -16.21 22.26 -4.12
C VAL B 218 -16.05 21.47 -2.83
N PHE B 219 -14.85 20.94 -2.61
CA PHE B 219 -14.56 20.14 -1.42
C PHE B 219 -13.47 20.80 -0.57
N LYS B 220 -12.43 20.02 -0.28
CA LYS B 220 -11.29 20.50 0.51
C LYS B 220 -10.03 19.79 0.03
N PHE B 221 -9.56 20.18 -1.16
CA PHE B 221 -8.37 19.58 -1.74
C PHE B 221 -7.29 20.62 -2.02
#